data_3OCN
#
_entry.id   3OCN
#
_cell.length_a   67.081
_cell.length_b   81.812
_cell.length_c   87.789
_cell.angle_alpha   90.00
_cell.angle_beta   90.00
_cell.angle_gamma   90.00
#
_symmetry.space_group_name_H-M   'P 21 21 21'
#
loop_
_entity.id
_entity.type
_entity.pdbx_description
1 polymer 'penicillin-binding protein 3'
2 non-polymer 1-({(2R)-2-[(1R)-1-{[(2Z)-2-(2-amino-1,3-thiazol-4-yl)-2-{[(2-carboxypropan-2-yl)oxy]imino}acetyl]amino}-2-oxoethyl]-4-carboxy-3,6-dihydro-2H-1,3-thiazin-5-yl}methyl)pyridinium
3 water water
#
_entity_poly.entity_id   1
_entity_poly.type   'polypeptide(L)'
_entity_poly.pdbx_seq_one_letter_code
;MAHHHHHHSSGLEVLFQGPDLHVIDHDFLKGQGDARSVRHIAIPAHRGLITDRNGEPLAVSTPVTTLWANPKELMTAKER
WPQLAAALGQDTKLFADRIEQNAEREFIYLVRGLTPEQGEGVIALKVPGVYSIEEFRRFYPAGEVVAHAVGFTDVDDRGR
EGIELAFDEWLAGVPGKRQVLKDRRGRVIKDVQVTKNAKPGKTLALSIDLRLQYLAHRELRNALLENGAKAGSLVIMDVK
TGEILAMTNQPTYNPNNRRNLQPAAMRNRAMIDVFEPGSTVKPFSMSAALASGRWKPSDIVDVYPGTLQIGRYTIRDVSR
NSRQLDLTGILIKSSNVGISKIAFDIGAESIYSVMQQVGLGQDTGLGFPGERVGNLPNHRKWPKAETATLAYGYGLSVTA
IQLAHAYAALANDGKSVPLSMTRVDRVPDGVQVISPEVASTVQGMLQQVVEAQGGVFRAQVPGYHAAGKSGTARKVSVGT
KGYRENAYRSLFAGFAPATDPRIAMVVVIDEPSKAGYFGGLVSAPVFSKVMAGALRLMNVPPDNLPTATEQQQVNAAPAK
GGRG
;
_entity_poly.pdbx_strand_id   A
#
loop_
_chem_comp.id
_chem_comp.type
_chem_comp.name
_chem_comp.formula
CTJ non-polymer 1-({(2R)-2-[(1R)-1-{[(2Z)-2-(2-amino-1,3-thiazol-4-yl)-2-{[(2-carboxypropan-2-yl)oxy]imino}acetyl]amino}-2-oxoethyl]-4-carboxy-3,6-dihydro-2H-1,3-thiazin-5-yl}methyl)pyridinium 'C22 H25 N6 O7 S2 1'
#
# COMPACT_ATOMS: atom_id res chain seq x y z
N ALA A 35 -45.99 -25.70 18.14
CA ALA A 35 -45.37 -24.84 17.11
C ALA A 35 -44.25 -25.58 16.38
N ARG A 36 -43.95 -25.11 15.17
CA ARG A 36 -42.84 -25.59 14.36
C ARG A 36 -41.88 -24.42 14.13
N SER A 37 -40.64 -24.74 13.75
CA SER A 37 -39.63 -23.71 13.48
C SER A 37 -39.18 -23.75 12.02
N VAL A 38 -39.41 -22.66 11.30
CA VAL A 38 -38.97 -22.50 9.92
C VAL A 38 -37.78 -21.55 9.88
N ARG A 39 -36.58 -22.10 9.70
CA ARG A 39 -35.35 -21.30 9.64
C ARG A 39 -34.79 -21.31 8.22
N HIS A 40 -33.99 -20.30 7.91
CA HIS A 40 -33.21 -20.26 6.67
C HIS A 40 -31.72 -20.32 7.01
N ILE A 41 -31.00 -21.23 6.37
CA ILE A 41 -29.58 -21.46 6.68
C ILE A 41 -28.72 -21.41 5.41
N ALA A 42 -27.74 -20.50 5.40
CA ALA A 42 -26.96 -20.21 4.21
C ALA A 42 -25.95 -21.31 3.90
N ILE A 43 -25.80 -21.64 2.62
CA ILE A 43 -24.78 -22.57 2.14
C ILE A 43 -23.57 -21.74 1.72
N PRO A 44 -22.44 -21.83 2.46
CA PRO A 44 -21.30 -20.95 2.19
C PRO A 44 -20.75 -21.03 0.77
N ALA A 45 -20.31 -19.89 0.24
CA ALA A 45 -19.67 -19.83 -1.07
C ALA A 45 -18.14 -19.83 -0.90
N HIS A 46 -17.47 -20.71 -1.62
CA HIS A 46 -16.01 -20.74 -1.64
C HIS A 46 -15.47 -19.38 -2.07
N ARG A 47 -14.82 -18.67 -1.15
CA ARG A 47 -14.28 -17.33 -1.42
C ARG A 47 -13.17 -17.39 -2.47
N GLY A 48 -13.21 -16.46 -3.42
CA GLY A 48 -12.28 -16.45 -4.54
C GLY A 48 -10.82 -16.32 -4.15
N LEU A 49 -9.97 -17.16 -4.74
CA LEU A 49 -8.53 -17.14 -4.50
C LEU A 49 -7.93 -15.82 -4.93
N ILE A 50 -7.05 -15.28 -4.10
CA ILE A 50 -6.17 -14.17 -4.50
C ILE A 50 -4.75 -14.69 -4.75
N THR A 51 -4.15 -14.28 -5.86
CA THR A 51 -2.76 -14.59 -6.16
C THR A 51 -2.05 -13.32 -6.55
N ASP A 52 -0.73 -13.43 -6.73
CA ASP A 52 0.07 -12.35 -7.32
C ASP A 52 -0.18 -12.35 -8.82
N ARG A 53 0.47 -11.44 -9.54
CA ARG A 53 0.29 -11.34 -10.99
C ARG A 53 0.65 -12.62 -11.73
N ASN A 54 1.52 -13.43 -11.15
CA ASN A 54 2.01 -14.66 -11.78
C ASN A 54 1.38 -15.96 -11.29
N GLY A 55 0.31 -15.86 -10.49
CA GLY A 55 -0.46 -17.01 -10.06
C GLY A 55 -0.04 -17.63 -8.74
N GLU A 56 0.87 -16.99 -8.02
CA GLU A 56 1.38 -17.52 -6.74
C GLU A 56 0.37 -17.15 -5.65
N PRO A 57 -0.04 -18.14 -4.82
CA PRO A 57 -1.17 -17.97 -3.90
C PRO A 57 -0.91 -17.00 -2.75
N LEU A 58 -1.80 -16.02 -2.57
CA LEU A 58 -1.66 -15.00 -1.54
C LEU A 58 -2.76 -15.04 -0.49
N ALA A 59 -3.97 -15.40 -0.90
CA ALA A 59 -5.11 -15.59 0.02
C ALA A 59 -5.97 -16.76 -0.46
N VAL A 60 -6.04 -17.81 0.36
CA VAL A 60 -6.71 -19.06 -0.01
C VAL A 60 -7.74 -19.43 1.05
N SER A 61 -8.98 -19.64 0.62
CA SER A 61 -10.03 -20.10 1.53
C SER A 61 -10.04 -21.62 1.57
N THR A 62 -9.73 -22.15 2.74
CA THR A 62 -9.63 -23.60 2.95
C THR A 62 -10.80 -24.07 3.82
N PRO A 63 -11.33 -25.27 3.55
CA PRO A 63 -12.47 -25.75 4.35
C PRO A 63 -12.09 -26.06 5.80
N VAL A 64 -12.96 -25.67 6.73
CA VAL A 64 -12.78 -25.93 8.16
C VAL A 64 -14.14 -26.25 8.78
N THR A 65 -14.12 -26.68 10.04
CA THR A 65 -15.33 -27.11 10.74
C THR A 65 -15.64 -26.18 11.91
N THR A 66 -16.89 -25.73 11.99
CA THR A 66 -17.37 -24.93 13.13
C THR A 66 -18.48 -25.67 13.84
N LEU A 67 -18.30 -25.91 15.14
CA LEU A 67 -19.25 -26.67 15.94
C LEU A 67 -20.31 -25.74 16.54
N TRP A 68 -21.57 -26.16 16.47
CA TRP A 68 -22.66 -25.41 17.08
C TRP A 68 -23.57 -26.33 17.88
N ALA A 69 -24.32 -25.75 18.82
CA ALA A 69 -25.15 -26.54 19.72
C ALA A 69 -26.58 -26.00 19.87
N ASN A 70 -27.50 -26.92 20.14
CA ASN A 70 -28.87 -26.58 20.52
C ASN A 70 -29.00 -26.69 22.04
N PRO A 71 -29.11 -25.55 22.74
CA PRO A 71 -29.20 -25.56 24.21
C PRO A 71 -30.34 -26.43 24.75
N LYS A 72 -31.50 -26.41 24.09
CA LYS A 72 -32.61 -27.29 24.44
C LYS A 72 -32.19 -28.76 24.49
N GLU A 73 -31.38 -29.17 23.52
CA GLU A 73 -30.86 -30.54 23.47
C GLU A 73 -29.71 -30.76 24.45
N LEU A 74 -28.87 -29.74 24.64
CA LEU A 74 -27.79 -29.81 25.63
C LEU A 74 -28.33 -30.02 27.05
N MET A 75 -29.43 -29.35 27.36
CA MET A 75 -30.01 -29.41 28.71
C MET A 75 -30.43 -30.82 29.12
N THR A 76 -30.78 -31.66 28.15
CA THR A 76 -31.18 -33.04 28.42
C THR A 76 -29.98 -33.98 28.63
N ALA A 77 -28.75 -33.48 28.47
CA ALA A 77 -27.56 -34.28 28.64
C ALA A 77 -26.45 -33.48 29.33
N LYS A 78 -26.75 -32.99 30.53
CA LYS A 78 -25.81 -32.18 31.30
C LYS A 78 -24.57 -32.97 31.69
N GLU A 79 -24.75 -34.27 31.93
CA GLU A 79 -23.65 -35.18 32.28
C GLU A 79 -22.48 -35.14 31.29
N ARG A 80 -22.75 -34.76 30.05
CA ARG A 80 -21.73 -34.73 28.99
C ARG A 80 -21.00 -33.39 28.85
N TRP A 81 -21.46 -32.36 29.56
CA TRP A 81 -20.92 -31.00 29.39
C TRP A 81 -19.43 -30.88 29.72
N PRO A 82 -19.00 -31.37 30.90
CA PRO A 82 -17.60 -31.17 31.30
C PRO A 82 -16.59 -31.77 30.31
N GLN A 83 -16.91 -32.93 29.75
CA GLN A 83 -16.03 -33.58 28.78
C GLN A 83 -15.91 -32.72 27.52
N LEU A 84 -17.01 -32.06 27.14
CA LEU A 84 -17.02 -31.14 26.00
C LEU A 84 -16.29 -29.83 26.32
N ALA A 85 -16.32 -29.40 27.58
CA ALA A 85 -15.56 -28.22 28.00
C ALA A 85 -14.06 -28.47 27.84
N ALA A 86 -13.62 -29.65 28.26
CA ALA A 86 -12.23 -30.07 28.08
C ALA A 86 -11.83 -30.05 26.61
N ALA A 87 -12.71 -30.57 25.76
CA ALA A 87 -12.49 -30.58 24.31
C ALA A 87 -12.27 -29.18 23.75
N LEU A 88 -13.09 -28.23 24.20
CA LEU A 88 -13.00 -26.83 23.74
C LEU A 88 -11.97 -26.00 24.52
N GLY A 89 -11.30 -26.63 25.50
CA GLY A 89 -10.30 -25.95 26.31
C GLY A 89 -10.88 -24.83 27.16
N GLN A 90 -12.07 -25.06 27.70
CA GLN A 90 -12.78 -24.06 28.50
C GLN A 90 -13.05 -24.58 29.91
N ASP A 91 -13.18 -23.67 30.86
CA ASP A 91 -13.47 -24.04 32.25
C ASP A 91 -14.84 -24.69 32.33
N THR A 92 -14.95 -25.71 33.17
CA THR A 92 -16.18 -26.49 33.30
C THR A 92 -17.36 -25.64 33.76
N LYS A 93 -17.13 -24.76 34.72
CA LYS A 93 -18.21 -23.97 35.32
C LYS A 93 -18.69 -22.90 34.35
N LEU A 94 -17.76 -22.17 33.74
CA LEU A 94 -18.11 -21.09 32.81
C LEU A 94 -18.89 -21.65 31.63
N PHE A 95 -18.41 -22.75 31.06
CA PHE A 95 -19.11 -23.42 29.98
C PHE A 95 -20.55 -23.72 30.38
N ALA A 96 -20.73 -24.34 31.54
CA ALA A 96 -22.05 -24.64 32.09
C ALA A 96 -22.87 -23.36 32.31
N ASP A 97 -22.22 -22.32 32.83
CA ASP A 97 -22.90 -21.03 33.06
C ASP A 97 -23.41 -20.43 31.76
N ARG A 98 -22.58 -20.49 30.72
CA ARG A 98 -22.93 -19.93 29.42
C ARG A 98 -24.15 -20.64 28.79
N ILE A 99 -24.18 -21.96 28.89
CA ILE A 99 -25.27 -22.74 28.30
C ILE A 99 -26.60 -22.47 28.99
N GLU A 100 -26.60 -22.55 30.32
CA GLU A 100 -27.79 -22.29 31.14
C GLU A 100 -28.39 -20.93 30.79
N GLN A 101 -27.55 -19.89 30.75
CA GLN A 101 -27.96 -18.54 30.37
C GLN A 101 -28.68 -18.49 29.02
N ASN A 102 -28.29 -19.37 28.09
CA ASN A 102 -28.89 -19.43 26.76
C ASN A 102 -29.84 -20.62 26.60
N ALA A 103 -30.53 -20.99 27.69
CA ALA A 103 -31.38 -22.19 27.70
C ALA A 103 -32.66 -22.05 26.87
N GLU A 104 -33.11 -20.83 26.66
CA GLU A 104 -34.30 -20.57 25.83
C GLU A 104 -33.97 -20.51 24.34
N ARG A 105 -32.75 -20.08 24.02
CA ARG A 105 -32.31 -19.99 22.63
C ARG A 105 -32.10 -21.38 22.03
N GLU A 106 -32.06 -21.45 20.69
CA GLU A 106 -31.96 -22.71 19.97
C GLU A 106 -30.63 -22.89 19.23
N PHE A 107 -29.77 -21.88 19.27
CA PHE A 107 -28.52 -21.91 18.52
C PHE A 107 -27.45 -21.07 19.20
N ILE A 108 -26.29 -21.68 19.43
CA ILE A 108 -25.12 -20.95 19.90
C ILE A 108 -23.86 -21.56 19.31
N TYR A 109 -22.84 -20.73 19.15
CA TYR A 109 -21.54 -21.18 18.65
C TYR A 109 -20.75 -21.82 19.79
N LEU A 110 -20.03 -22.90 19.47
CA LEU A 110 -19.10 -23.49 20.41
C LEU A 110 -17.69 -23.02 20.05
N VAL A 111 -17.27 -23.35 18.83
CA VAL A 111 -16.03 -22.81 18.25
C VAL A 111 -16.16 -22.73 16.74
N ARG A 112 -15.40 -21.82 16.13
CA ARG A 112 -15.42 -21.64 14.68
C ARG A 112 -14.04 -21.82 14.08
N GLY A 113 -13.95 -22.62 13.02
CA GLY A 113 -12.74 -22.73 12.21
C GLY A 113 -11.73 -23.77 12.67
N LEU A 114 -12.21 -24.84 13.31
CA LEU A 114 -11.36 -25.97 13.65
C LEU A 114 -11.12 -26.76 12.37
N THR A 115 -10.01 -27.49 12.31
CA THR A 115 -9.71 -28.30 11.11
C THR A 115 -10.67 -29.51 11.04
N PRO A 116 -10.73 -30.18 9.88
CA PRO A 116 -11.60 -31.36 9.75
C PRO A 116 -11.30 -32.47 10.78
N GLU A 117 -10.03 -32.83 10.93
CA GLU A 117 -9.60 -33.82 11.94
C GLU A 117 -9.89 -33.31 13.35
N GLN A 118 -9.75 -32.01 13.52
CA GLN A 118 -9.97 -31.34 14.80
C GLN A 118 -11.44 -31.44 15.24
N GLY A 119 -12.34 -31.27 14.28
CA GLY A 119 -13.78 -31.39 14.53
C GLY A 119 -14.21 -32.82 14.78
N GLU A 120 -13.54 -33.77 14.14
CA GLU A 120 -13.84 -35.19 14.29
C GLU A 120 -13.60 -35.70 15.72
N GLY A 121 -12.58 -35.16 16.38
CA GLY A 121 -12.28 -35.51 17.78
C GLY A 121 -13.34 -35.02 18.75
N VAL A 122 -13.90 -33.84 18.48
CA VAL A 122 -14.97 -33.28 19.30
C VAL A 122 -16.32 -33.91 18.96
N ILE A 123 -16.48 -34.34 17.70
CA ILE A 123 -17.69 -35.05 17.25
C ILE A 123 -17.77 -36.46 17.84
N ALA A 124 -16.61 -37.12 17.97
CA ALA A 124 -16.54 -38.50 18.49
C ALA A 124 -16.89 -38.65 19.98
N LEU A 125 -17.04 -37.53 20.68
CA LEU A 125 -17.60 -37.53 22.03
C LEU A 125 -19.09 -37.91 22.01
N LYS A 126 -19.74 -37.71 20.87
CA LYS A 126 -21.15 -38.06 20.69
C LYS A 126 -22.07 -37.31 21.65
N VAL A 127 -21.78 -36.02 21.88
CA VAL A 127 -22.56 -35.19 22.80
C VAL A 127 -23.90 -34.81 22.16
N PRO A 128 -25.02 -35.12 22.85
CA PRO A 128 -26.32 -34.65 22.36
C PRO A 128 -26.38 -33.14 22.24
N GLY A 129 -26.88 -32.65 21.11
CA GLY A 129 -27.01 -31.22 20.87
C GLY A 129 -25.85 -30.61 20.10
N VAL A 130 -24.78 -31.37 19.90
CA VAL A 130 -23.59 -30.88 19.21
C VAL A 130 -23.66 -31.21 17.73
N TYR A 131 -23.72 -30.17 16.90
CA TYR A 131 -23.80 -30.30 15.45
C TYR A 131 -22.66 -29.54 14.77
N SER A 132 -22.47 -29.80 13.47
CA SER A 132 -21.34 -29.24 12.74
C SER A 132 -21.71 -28.83 11.33
N ILE A 133 -20.92 -27.90 10.78
CA ILE A 133 -21.03 -27.46 9.40
C ILE A 133 -19.62 -27.22 8.84
N GLU A 134 -19.48 -27.35 7.52
CA GLU A 134 -18.22 -27.01 6.84
C GLU A 134 -18.24 -25.55 6.43
N GLU A 135 -17.40 -24.74 7.08
CA GLU A 135 -17.20 -23.34 6.72
C GLU A 135 -15.85 -23.16 6.03
N PHE A 136 -15.66 -22.00 5.40
CA PHE A 136 -14.39 -21.63 4.80
C PHE A 136 -13.68 -20.58 5.65
N ARG A 137 -12.39 -20.78 5.86
CA ARG A 137 -11.56 -19.81 6.57
C ARG A 137 -10.33 -19.49 5.74
N ARG A 138 -9.87 -18.25 5.87
CA ARG A 138 -8.85 -17.68 4.99
C ARG A 138 -7.46 -17.82 5.61
N PHE A 139 -6.50 -18.30 4.81
CA PHE A 139 -5.09 -18.31 5.20
C PHE A 139 -4.29 -17.51 4.18
N TYR A 140 -3.07 -17.11 4.54
CA TYR A 140 -2.25 -16.24 3.69
C TYR A 140 -0.82 -16.75 3.58
N PRO A 141 -0.49 -17.45 2.49
CA PRO A 141 0.79 -18.17 2.43
C PRO A 141 2.03 -17.30 2.27
N ALA A 142 1.87 -16.08 1.76
CA ALA A 142 3.00 -15.15 1.65
C ALA A 142 3.27 -14.52 3.02
N GLY A 143 2.21 -14.38 3.81
CA GLY A 143 2.32 -13.96 5.21
C GLY A 143 2.55 -12.47 5.37
N GLU A 144 3.56 -12.13 6.17
CA GLU A 144 3.87 -10.73 6.49
C GLU A 144 4.48 -9.95 5.32
N VAL A 145 4.95 -10.66 4.29
CA VAL A 145 5.60 -10.02 3.15
C VAL A 145 4.62 -9.20 2.29
N VAL A 146 3.32 -9.52 2.36
CA VAL A 146 2.30 -8.78 1.62
C VAL A 146 1.10 -8.39 2.49
N ALA A 147 1.33 -8.22 3.79
CA ALA A 147 0.24 -8.11 4.78
C ALA A 147 -0.74 -6.95 4.58
N HIS A 148 -0.21 -5.75 4.36
CA HIS A 148 -1.05 -4.55 4.23
C HIS A 148 -1.77 -4.48 2.89
N ALA A 149 -1.12 -5.04 1.86
CA ALA A 149 -1.65 -5.01 0.50
C ALA A 149 -2.84 -5.96 0.37
N VAL A 150 -2.63 -7.20 0.79
CA VAL A 150 -3.66 -8.23 0.68
C VAL A 150 -4.80 -8.02 1.70
N GLY A 151 -4.44 -7.65 2.93
CA GLY A 151 -5.42 -7.50 4.01
C GLY A 151 -5.93 -8.84 4.53
N PHE A 152 -7.12 -8.84 5.14
CA PHE A 152 -7.69 -10.06 5.69
C PHE A 152 -9.20 -9.97 5.94
N THR A 153 -9.81 -11.12 6.29
CA THR A 153 -11.27 -11.23 6.44
C THR A 153 -11.74 -11.39 7.89
N ASP A 154 -13.02 -11.07 8.09
CA ASP A 154 -13.72 -11.31 9.36
C ASP A 154 -13.90 -12.81 9.63
N VAL A 155 -14.43 -13.13 10.80
CA VAL A 155 -14.82 -14.50 11.15
C VAL A 155 -15.83 -15.08 10.16
N ASP A 156 -16.72 -14.22 9.63
CA ASP A 156 -17.73 -14.64 8.66
C ASP A 156 -17.19 -14.81 7.23
N ASP A 157 -15.89 -14.55 7.04
CA ASP A 157 -15.20 -14.70 5.75
C ASP A 157 -15.52 -13.54 4.79
N ARG A 158 -15.74 -12.35 5.36
CA ARG A 158 -15.91 -11.12 4.61
C ARG A 158 -14.69 -10.24 4.86
N GLY A 159 -14.28 -9.50 3.83
CA GLY A 159 -13.08 -8.67 3.93
C GLY A 159 -13.25 -7.48 4.86
N ARG A 160 -12.24 -7.23 5.69
CA ARG A 160 -12.20 -6.01 6.50
C ARG A 160 -10.93 -5.17 6.35
N GLU A 161 -9.92 -5.68 5.62
CA GLU A 161 -8.74 -4.89 5.29
C GLU A 161 -8.20 -5.19 3.89
N GLY A 162 -7.47 -4.23 3.34
CA GLY A 162 -6.76 -4.38 2.06
C GLY A 162 -7.60 -4.80 0.86
N ILE A 163 -6.94 -5.50 -0.07
CA ILE A 163 -7.59 -6.06 -1.24
C ILE A 163 -8.80 -6.91 -0.87
N GLU A 164 -8.69 -7.68 0.20
CA GLU A 164 -9.80 -8.50 0.68
C GLU A 164 -11.11 -7.72 0.82
N LEU A 165 -11.03 -6.48 1.31
CA LEU A 165 -12.20 -5.60 1.48
C LEU A 165 -12.63 -4.87 0.19
N ALA A 166 -11.69 -4.19 -0.45
CA ALA A 166 -11.99 -3.37 -1.63
C ALA A 166 -12.48 -4.18 -2.83
N PHE A 167 -12.26 -5.50 -2.82
CA PHE A 167 -12.80 -6.41 -3.84
C PHE A 167 -13.72 -7.49 -3.22
N ASP A 168 -14.33 -7.18 -2.08
CA ASP A 168 -15.09 -8.18 -1.33
C ASP A 168 -16.20 -8.79 -2.19
N GLU A 169 -16.86 -7.93 -2.97
CA GLU A 169 -17.96 -8.32 -3.83
C GLU A 169 -17.48 -9.26 -4.95
N TRP A 170 -16.26 -9.01 -5.44
CA TRP A 170 -15.62 -9.87 -6.43
C TRP A 170 -15.21 -11.23 -5.85
N LEU A 171 -14.75 -11.22 -4.61
CA LEU A 171 -14.17 -12.40 -3.96
C LEU A 171 -15.18 -13.30 -3.25
N ALA A 172 -16.30 -12.72 -2.81
CA ALA A 172 -17.24 -13.42 -1.93
C ALA A 172 -18.02 -14.55 -2.60
N GLY A 173 -18.47 -14.32 -3.84
CA GLY A 173 -19.38 -15.23 -4.52
C GLY A 173 -20.80 -15.05 -4.01
N VAL A 174 -21.74 -15.85 -4.52
CA VAL A 174 -23.14 -15.79 -4.08
C VAL A 174 -23.51 -17.06 -3.31
N PRO A 175 -23.72 -16.94 -1.98
CA PRO A 175 -24.09 -18.12 -1.17
C PRO A 175 -25.43 -18.74 -1.57
N GLY A 176 -25.67 -19.95 -1.06
CA GLY A 176 -26.96 -20.61 -1.23
C GLY A 176 -27.86 -20.39 -0.03
N LYS A 177 -29.03 -21.03 -0.05
CA LYS A 177 -30.05 -20.87 0.99
C LYS A 177 -30.77 -22.21 1.17
N ARG A 178 -31.01 -22.58 2.42
CA ARG A 178 -31.75 -23.80 2.75
C ARG A 178 -32.93 -23.46 3.64
N GLN A 179 -34.09 -24.05 3.34
CA GLN A 179 -35.24 -24.00 4.24
C GLN A 179 -35.25 -25.25 5.09
N VAL A 180 -34.95 -25.08 6.38
CA VAL A 180 -34.97 -26.19 7.32
C VAL A 180 -36.20 -26.05 8.21
N LEU A 181 -37.11 -27.02 8.09
CA LEU A 181 -38.28 -27.10 8.95
C LEU A 181 -37.97 -28.07 10.09
N LYS A 182 -38.32 -27.68 11.30
CA LYS A 182 -38.05 -28.49 12.49
C LYS A 182 -39.20 -28.41 13.50
N ASP A 183 -39.53 -29.54 14.11
CA ASP A 183 -40.40 -29.53 15.28
C ASP A 183 -39.55 -29.07 16.47
N ARG A 184 -40.13 -28.24 17.33
CA ARG A 184 -39.38 -27.71 18.47
C ARG A 184 -39.11 -28.82 19.48
N ARG A 185 -38.08 -29.61 19.16
CA ARG A 185 -37.70 -30.80 19.92
C ARG A 185 -36.34 -31.32 19.44
N GLY A 186 -36.15 -31.38 18.13
CA GLY A 186 -34.84 -31.72 17.53
C GLY A 186 -34.95 -32.70 16.38
N ARG A 187 -35.75 -32.35 15.38
CA ARG A 187 -36.04 -33.24 14.25
C ARG A 187 -36.26 -32.44 12.97
N VAL A 188 -35.52 -32.76 11.91
CA VAL A 188 -35.69 -32.12 10.61
C VAL A 188 -36.85 -32.77 9.83
N ILE A 189 -37.85 -31.97 9.49
CA ILE A 189 -39.04 -32.45 8.78
C ILE A 189 -38.92 -32.23 7.28
N LYS A 190 -38.46 -31.04 6.90
CA LYS A 190 -38.18 -30.69 5.51
C LYS A 190 -36.85 -29.93 5.47
N ASP A 191 -35.95 -30.37 4.59
CA ASP A 191 -34.77 -29.58 4.26
C ASP A 191 -34.58 -29.58 2.74
N VAL A 192 -34.69 -28.40 2.14
CA VAL A 192 -34.60 -28.24 0.70
C VAL A 192 -33.86 -26.96 0.35
N GLN A 193 -33.11 -26.99 -0.75
CA GLN A 193 -32.38 -25.84 -1.22
C GLN A 193 -33.32 -24.96 -2.04
N VAL A 194 -33.62 -23.77 -1.52
CA VAL A 194 -34.60 -22.86 -2.14
C VAL A 194 -33.89 -21.81 -2.98
N THR A 195 -32.92 -22.24 -3.78
CA THR A 195 -32.08 -21.33 -4.57
C THR A 195 -31.12 -22.12 -5.46
N LYS A 196 -30.47 -21.41 -6.37
CA LYS A 196 -29.37 -22.00 -7.15
C LYS A 196 -28.25 -22.44 -6.22
N ASN A 197 -27.39 -23.32 -6.71
CA ASN A 197 -26.20 -23.74 -5.97
C ASN A 197 -25.27 -22.56 -5.68
N ALA A 198 -24.68 -22.55 -4.47
CA ALA A 198 -23.76 -21.51 -4.06
C ALA A 198 -22.65 -21.32 -5.10
N LYS A 199 -22.59 -20.14 -5.71
CA LYS A 199 -21.58 -19.86 -6.72
C LYS A 199 -20.27 -19.45 -6.05
N PRO A 200 -19.13 -20.04 -6.48
CA PRO A 200 -17.86 -19.65 -5.86
C PRO A 200 -17.50 -18.22 -6.23
N GLY A 201 -16.68 -17.58 -5.39
CA GLY A 201 -16.15 -16.26 -5.70
C GLY A 201 -15.15 -16.32 -6.83
N LYS A 202 -14.79 -15.17 -7.37
CA LYS A 202 -13.91 -15.09 -8.54
C LYS A 202 -12.44 -14.94 -8.13
N THR A 203 -11.57 -15.65 -8.84
CA THR A 203 -10.12 -15.54 -8.65
C THR A 203 -9.67 -14.11 -8.95
N LEU A 204 -8.70 -13.61 -8.17
CA LEU A 204 -8.18 -12.25 -8.37
C LEU A 204 -6.66 -12.25 -8.35
N ALA A 205 -6.06 -11.96 -9.50
CA ALA A 205 -4.61 -11.82 -9.59
C ALA A 205 -4.26 -10.35 -9.36
N LEU A 206 -3.37 -10.10 -8.41
CA LEU A 206 -2.97 -8.74 -8.10
C LEU A 206 -1.94 -8.22 -9.11
N SER A 207 -1.73 -6.91 -9.09
CA SER A 207 -0.64 -6.30 -9.87
C SER A 207 0.71 -6.73 -9.30
N ILE A 208 0.79 -6.80 -7.97
CA ILE A 208 2.00 -7.18 -7.25
C ILE A 208 2.69 -8.43 -7.83
N ASP A 209 3.98 -8.32 -8.07
CA ASP A 209 4.85 -9.46 -8.36
C ASP A 209 5.52 -9.83 -7.03
N LEU A 210 5.25 -11.02 -6.52
CA LEU A 210 5.68 -11.41 -5.17
C LEU A 210 7.20 -11.41 -5.04
N ARG A 211 7.90 -11.75 -6.13
CA ARG A 211 9.37 -11.79 -6.11
C ARG A 211 9.91 -10.40 -5.84
N LEU A 212 9.39 -9.42 -6.57
CA LEU A 212 9.75 -8.00 -6.36
C LEU A 212 9.33 -7.56 -4.96
N GLN A 213 8.10 -7.91 -4.56
CA GLN A 213 7.60 -7.55 -3.24
C GLN A 213 8.56 -8.08 -2.18
N TYR A 214 8.97 -9.34 -2.31
CA TYR A 214 9.89 -9.94 -1.33
C TYR A 214 11.25 -9.23 -1.32
N LEU A 215 11.71 -8.80 -2.48
CA LEU A 215 12.93 -8.00 -2.55
C LEU A 215 12.73 -6.68 -1.80
N ALA A 216 11.75 -5.89 -2.25
CA ALA A 216 11.37 -4.67 -1.54
C ALA A 216 11.32 -4.90 -0.01
N HIS A 217 10.50 -5.88 0.39
CA HIS A 217 10.25 -6.19 1.80
C HIS A 217 11.52 -6.31 2.62
N ARG A 218 12.46 -7.15 2.16
CA ARG A 218 13.64 -7.44 2.95
C ARG A 218 14.62 -6.26 2.99
N GLU A 219 14.81 -5.59 1.86
CA GLU A 219 15.74 -4.45 1.80
C GLU A 219 15.25 -3.25 2.61
N LEU A 220 13.94 -2.98 2.59
CA LEU A 220 13.37 -1.95 3.45
C LEU A 220 13.70 -2.31 4.91
N ARG A 221 13.35 -3.55 5.29
CA ARG A 221 13.64 -4.09 6.61
C ARG A 221 15.14 -3.97 6.97
N ASN A 222 16.02 -4.37 6.06
CA ASN A 222 17.47 -4.22 6.24
C ASN A 222 17.88 -2.76 6.50
N ALA A 223 17.33 -1.84 5.72
CA ALA A 223 17.64 -0.42 5.84
C ALA A 223 17.21 0.14 7.20
N LEU A 224 16.09 -0.33 7.73
CA LEU A 224 15.63 0.10 9.05
C LEU A 224 16.61 -0.25 10.16
N LEU A 225 17.10 -1.49 10.15
CA LEU A 225 18.09 -1.95 11.13
C LEU A 225 19.39 -1.16 11.02
N GLU A 226 19.80 -0.93 9.77
CA GLU A 226 21.03 -0.23 9.44
C GLU A 226 21.05 1.22 9.97
N ASN A 227 19.90 1.90 9.87
CA ASN A 227 19.80 3.31 10.25
C ASN A 227 19.02 3.54 11.55
N GLY A 228 18.59 2.47 12.21
CA GLY A 228 17.75 2.57 13.42
C GLY A 228 16.51 3.42 13.24
N ALA A 229 15.82 3.23 12.10
CA ALA A 229 14.60 3.99 11.79
C ALA A 229 13.36 3.31 12.37
N LYS A 230 12.32 4.09 12.64
CA LYS A 230 11.12 3.55 13.29
C LYS A 230 10.07 3.01 12.33
N ALA A 231 10.14 3.39 11.05
CA ALA A 231 9.16 2.97 10.07
C ALA A 231 9.65 3.18 8.64
N GLY A 232 8.86 2.72 7.68
CA GLY A 232 9.22 2.89 6.27
C GLY A 232 8.17 2.40 5.30
N SER A 233 8.30 2.86 4.06
CA SER A 233 7.44 2.45 2.95
C SER A 233 8.30 2.33 1.71
N LEU A 234 7.98 1.38 0.84
CA LEU A 234 8.62 1.29 -0.47
C LEU A 234 7.59 0.84 -1.51
N VAL A 235 7.33 1.70 -2.47
CA VAL A 235 6.39 1.43 -3.57
C VAL A 235 7.14 1.26 -4.90
N ILE A 236 6.80 0.23 -5.66
CA ILE A 236 7.31 0.05 -7.02
C ILE A 236 6.14 0.09 -7.99
N MET A 237 6.31 0.80 -9.11
CA MET A 237 5.25 0.89 -10.11
C MET A 237 5.75 0.58 -11.49
N ASP A 238 4.85 0.03 -12.31
CA ASP A 238 5.10 -0.17 -13.73
C ASP A 238 4.68 1.12 -14.44
N VAL A 239 5.65 1.81 -15.03
CA VAL A 239 5.41 3.15 -15.56
C VAL A 239 4.50 3.13 -16.79
N LYS A 240 4.47 2.00 -17.51
CA LYS A 240 3.69 1.87 -18.74
C LYS A 240 2.23 1.39 -18.54
N THR A 241 2.00 0.56 -17.53
CA THR A 241 0.70 -0.12 -17.34
C THR A 241 -0.16 0.43 -16.21
N GLY A 242 0.43 1.27 -15.34
CA GLY A 242 -0.27 1.80 -14.15
C GLY A 242 -0.29 0.83 -12.96
N GLU A 243 0.51 -0.22 -13.02
CA GLU A 243 0.41 -1.33 -12.08
C GLU A 243 1.35 -1.14 -10.90
N ILE A 244 0.84 -1.44 -9.71
CA ILE A 244 1.66 -1.38 -8.50
C ILE A 244 2.40 -2.73 -8.35
N LEU A 245 3.65 -2.76 -8.79
CA LEU A 245 4.42 -4.01 -8.82
C LEU A 245 4.86 -4.46 -7.42
N ALA A 246 4.98 -3.50 -6.50
CA ALA A 246 5.29 -3.77 -5.10
C ALA A 246 4.76 -2.67 -4.21
N MET A 247 4.35 -3.07 -3.00
CA MET A 247 3.92 -2.12 -1.98
C MET A 247 4.18 -2.73 -0.62
N THR A 248 5.26 -2.28 0.02
CA THR A 248 5.68 -2.84 1.30
C THR A 248 5.88 -1.74 2.35
N ASN A 249 5.44 -2.04 3.56
CA ASN A 249 5.55 -1.12 4.69
C ASN A 249 6.25 -1.79 5.85
N GLN A 250 6.84 -0.98 6.71
CA GLN A 250 7.58 -1.47 7.88
C GLN A 250 7.25 -0.56 9.04
N PRO A 251 6.92 -1.14 10.22
CA PRO A 251 6.81 -2.56 10.52
C PRO A 251 5.59 -3.23 9.88
N THR A 252 5.58 -4.57 9.90
CA THR A 252 4.50 -5.34 9.33
C THR A 252 3.99 -6.37 10.35
N TYR A 253 3.13 -7.30 9.91
CA TYR A 253 2.54 -8.30 10.79
C TYR A 253 2.11 -9.54 10.00
N ASN A 254 2.22 -10.71 10.61
CA ASN A 254 1.72 -11.95 10.03
C ASN A 254 0.22 -12.01 10.25
N PRO A 255 -0.58 -11.88 9.19
CA PRO A 255 -2.05 -11.86 9.34
C PRO A 255 -2.65 -13.23 9.68
N ASN A 256 -1.84 -14.29 9.55
CA ASN A 256 -2.26 -15.62 9.98
C ASN A 256 -2.35 -15.71 11.50
N ASN A 257 -1.46 -15.00 12.19
CA ASN A 257 -1.48 -14.92 13.65
C ASN A 257 -1.73 -13.48 14.12
N ARG A 258 -3.01 -13.13 14.28
CA ARG A 258 -3.41 -11.77 14.65
C ARG A 258 -3.94 -11.70 16.09
N ARG A 259 -3.06 -11.94 17.07
CA ARG A 259 -3.47 -11.97 18.48
C ARG A 259 -2.79 -10.86 19.30
N ASN A 260 -1.50 -10.69 19.11
CA ASN A 260 -0.74 -9.62 19.78
C ASN A 260 -0.42 -8.50 18.81
N LEU A 261 -1.48 -7.94 18.21
CA LEU A 261 -1.35 -6.94 17.14
C LEU A 261 -1.15 -5.53 17.69
N GLN A 262 -0.05 -4.88 17.31
CA GLN A 262 0.21 -3.49 17.68
C GLN A 262 -0.38 -2.55 16.63
N PRO A 263 -0.94 -1.40 17.05
CA PRO A 263 -1.64 -0.49 16.14
C PRO A 263 -0.79 -0.05 14.94
N ALA A 264 0.48 0.25 15.19
CA ALA A 264 1.37 0.80 14.18
C ALA A 264 1.80 -0.24 13.13
N ALA A 265 1.80 -1.51 13.51
CA ALA A 265 2.22 -2.59 12.61
C ALA A 265 1.24 -2.82 11.46
N MET A 266 -0.03 -2.47 11.67
CA MET A 266 -1.08 -2.68 10.68
C MET A 266 -1.31 -1.47 9.79
N ARG A 267 -0.65 -0.34 10.07
CA ARG A 267 -0.75 0.84 9.20
C ARG A 267 -0.19 0.55 7.82
N ASN A 268 -1.04 0.66 6.81
CA ASN A 268 -0.58 0.67 5.42
C ASN A 268 0.03 2.03 5.11
N ARG A 269 1.29 2.19 5.52
CA ARG A 269 1.96 3.49 5.50
C ARG A 269 2.09 4.09 4.11
N ALA A 270 2.41 3.23 3.14
CA ALA A 270 2.47 3.64 1.73
C ALA A 270 1.20 4.35 1.26
N MET A 271 0.08 4.09 1.92
CA MET A 271 -1.23 4.64 1.51
C MET A 271 -1.84 5.61 2.52
N ILE A 272 -1.43 5.53 3.79
CA ILE A 272 -2.09 6.30 4.85
C ILE A 272 -1.20 7.33 5.55
N ASP A 273 0.12 7.18 5.48
CA ASP A 273 1.01 8.20 6.05
C ASP A 273 1.18 9.33 5.05
N VAL A 274 0.54 10.46 5.31
CA VAL A 274 0.68 11.63 4.44
C VAL A 274 1.86 12.44 4.91
N PHE A 275 2.53 13.10 3.98
CA PHE A 275 3.77 13.82 4.28
C PHE A 275 4.15 14.80 3.20
N GLU A 276 4.90 15.82 3.57
CA GLU A 276 5.40 16.81 2.63
C GLU A 276 6.56 16.22 1.83
N PRO A 277 6.40 16.12 0.50
CA PRO A 277 7.41 15.49 -0.35
C PRO A 277 8.70 16.30 -0.45
N GLY A 278 8.60 17.62 -0.35
CA GLY A 278 9.76 18.49 -0.30
C GLY A 278 10.49 18.59 -1.64
N SER A 279 11.75 18.17 -1.66
CA SER A 279 12.60 18.28 -2.83
C SER A 279 12.15 17.37 -3.96
N THR A 280 11.47 16.28 -3.61
CA THR A 280 11.06 15.29 -4.59
C THR A 280 10.00 15.79 -5.56
N VAL A 281 9.35 16.91 -5.26
CA VAL A 281 8.42 17.55 -6.22
C VAL A 281 9.06 18.71 -7.03
N LYS A 282 10.31 19.07 -6.72
CA LYS A 282 11.03 20.06 -7.51
C LYS A 282 11.07 19.74 -9.01
N PRO A 283 11.16 18.44 -9.39
CA PRO A 283 11.07 18.09 -10.81
C PRO A 283 9.71 18.38 -11.48
N PHE A 284 8.66 18.56 -10.69
CA PHE A 284 7.36 18.95 -11.22
C PHE A 284 7.26 20.47 -11.32
N SER A 285 7.89 21.17 -10.39
CA SER A 285 8.05 22.63 -10.48
C SER A 285 8.80 23.00 -11.77
N MET A 286 9.84 22.23 -12.08
CA MET A 286 10.64 22.44 -13.28
C MET A 286 9.90 22.16 -14.57
N SER A 287 9.02 21.16 -14.54
CA SER A 287 8.23 20.80 -15.70
C SER A 287 7.29 21.94 -16.06
N ALA A 288 6.79 22.65 -15.05
CA ALA A 288 5.98 23.85 -15.26
C ALA A 288 6.84 25.02 -15.75
N ALA A 289 8.10 25.07 -15.31
CA ALA A 289 9.05 26.07 -15.81
C ALA A 289 9.40 25.85 -17.29
N LEU A 290 9.74 24.62 -17.63
CA LEU A 290 10.05 24.26 -19.02
C LEU A 290 8.85 24.47 -19.96
N ALA A 291 7.64 24.26 -19.44
CA ALA A 291 6.43 24.39 -20.22
C ALA A 291 5.97 25.84 -20.33
N SER A 292 6.45 26.71 -19.44
CA SER A 292 6.07 28.11 -19.45
C SER A 292 6.55 28.82 -20.71
N GLY A 293 7.67 28.34 -21.26
CA GLY A 293 8.27 28.94 -22.46
C GLY A 293 9.30 30.00 -22.10
N ARG A 294 9.71 30.01 -20.84
CA ARG A 294 10.63 31.01 -20.31
C ARG A 294 11.91 30.41 -19.70
N TRP A 295 12.05 29.09 -19.75
CA TRP A 295 13.20 28.42 -19.13
C TRP A 295 13.71 27.23 -19.96
N LYS A 296 15.02 27.21 -20.19
CA LYS A 296 15.70 26.05 -20.75
C LYS A 296 16.62 25.51 -19.66
N PRO A 297 17.02 24.23 -19.77
CA PRO A 297 17.89 23.65 -18.74
C PRO A 297 19.19 24.40 -18.51
N SER A 298 19.77 24.96 -19.57
CA SER A 298 21.03 25.67 -19.48
C SER A 298 20.89 27.07 -18.88
N ASP A 299 19.65 27.56 -18.74
CA ASP A 299 19.41 28.87 -18.14
C ASP A 299 19.83 28.89 -16.68
N ILE A 300 20.02 30.11 -16.17
CA ILE A 300 20.74 30.34 -14.93
C ILE A 300 19.89 31.09 -13.90
N VAL A 301 20.03 30.69 -12.64
CA VAL A 301 19.45 31.45 -11.53
C VAL A 301 20.53 31.71 -10.46
N ASP A 302 20.62 32.95 -10.04
CA ASP A 302 21.51 33.32 -8.94
C ASP A 302 20.84 32.93 -7.62
N VAL A 303 21.54 32.13 -6.82
CA VAL A 303 21.04 31.67 -5.54
C VAL A 303 21.88 32.18 -4.37
N TYR A 304 22.77 33.14 -4.64
CA TYR A 304 23.65 33.68 -3.61
C TYR A 304 22.84 34.53 -2.63
N PRO A 305 23.15 34.44 -1.32
CA PRO A 305 24.16 33.64 -0.65
C PRO A 305 23.58 32.37 0.01
N GLY A 306 22.64 31.72 -0.66
CA GLY A 306 21.97 30.54 -0.12
C GLY A 306 20.83 30.87 0.83
N THR A 307 20.35 32.11 0.79
CA THR A 307 19.17 32.52 1.58
C THR A 307 18.28 33.45 0.76
N LEU A 308 17.04 33.66 1.21
CA LEU A 308 16.13 34.59 0.53
C LEU A 308 15.12 35.20 1.51
N GLN A 309 15.23 36.51 1.73
CA GLN A 309 14.30 37.25 2.57
C GLN A 309 12.96 37.41 1.85
N ILE A 310 11.88 36.96 2.49
CA ILE A 310 10.52 37.11 1.97
C ILE A 310 9.60 37.64 3.08
N GLY A 311 9.58 38.95 3.25
CA GLY A 311 8.95 39.56 4.42
C GLY A 311 9.87 39.36 5.61
N ARG A 312 9.41 38.56 6.58
CA ARG A 312 10.28 38.10 7.68
C ARG A 312 10.70 36.64 7.48
N TYR A 313 9.86 35.86 6.81
CA TYR A 313 10.22 34.50 6.40
C TYR A 313 11.53 34.55 5.63
N THR A 314 12.41 33.57 5.89
CA THR A 314 13.73 33.52 5.26
C THR A 314 14.01 32.13 4.73
N ILE A 315 13.87 31.96 3.41
CA ILE A 315 14.17 30.69 2.75
C ILE A 315 15.68 30.44 2.84
N ARG A 316 16.06 29.17 2.96
CA ARG A 316 17.47 28.79 3.13
C ARG A 316 17.81 27.50 2.40
N ASP A 317 19.00 27.47 1.78
CA ASP A 317 19.55 26.23 1.22
C ASP A 317 20.48 25.61 2.25
N VAL A 318 20.69 24.30 2.19
CA VAL A 318 21.64 23.64 3.07
C VAL A 318 23.06 23.87 2.56
N SER A 319 23.25 23.69 1.25
CA SER A 319 24.53 23.93 0.60
C SER A 319 24.56 25.38 0.17
N ARG A 320 25.45 26.17 0.76
CA ARG A 320 25.53 27.60 0.46
C ARG A 320 26.92 27.97 -0.08
N ASN A 321 27.37 27.22 -1.07
CA ASN A 321 28.59 27.54 -1.83
C ASN A 321 28.21 27.66 -3.30
N SER A 322 27.26 28.53 -3.59
CA SER A 322 26.75 28.69 -4.94
C SER A 322 26.38 30.14 -5.23
N ARG A 323 26.60 30.55 -6.48
CA ARG A 323 26.01 31.78 -6.98
C ARG A 323 25.07 31.41 -8.11
N GLN A 324 25.61 31.17 -9.30
CA GLN A 324 24.78 30.84 -10.45
C GLN A 324 24.72 29.33 -10.70
N LEU A 325 23.51 28.78 -10.59
CA LEU A 325 23.25 27.38 -10.89
C LEU A 325 22.31 27.27 -12.08
N ASP A 326 22.58 26.31 -12.96
CA ASP A 326 21.61 25.97 -14.00
C ASP A 326 20.55 25.03 -13.41
N LEU A 327 19.53 24.71 -14.20
CA LEU A 327 18.38 23.97 -13.69
C LEU A 327 18.77 22.60 -13.14
N THR A 328 19.69 21.92 -13.80
CA THR A 328 20.24 20.67 -13.27
C THR A 328 20.99 20.93 -11.96
N GLY A 329 21.73 22.02 -11.92
CA GLY A 329 22.42 22.45 -10.71
C GLY A 329 21.47 22.65 -9.54
N ILE A 330 20.34 23.31 -9.78
CA ILE A 330 19.33 23.52 -8.73
C ILE A 330 18.87 22.18 -8.13
N LEU A 331 18.67 21.17 -8.96
CA LEU A 331 18.26 19.85 -8.48
C LEU A 331 19.42 19.12 -7.80
N ILE A 332 20.63 19.19 -8.38
CA ILE A 332 21.81 18.53 -7.79
C ILE A 332 22.10 19.07 -6.37
N LYS A 333 22.17 20.38 -6.25
CA LYS A 333 22.44 21.04 -4.97
C LYS A 333 21.18 21.01 -4.09
N SER A 334 20.02 20.78 -4.71
CA SER A 334 18.73 20.81 -4.02
C SER A 334 18.48 22.17 -3.39
N SER A 335 18.56 23.21 -4.24
CA SER A 335 18.50 24.59 -3.79
C SER A 335 17.06 25.09 -3.70
N ASN A 336 16.53 25.15 -2.49
CA ASN A 336 15.21 25.75 -2.24
C ASN A 336 15.13 27.19 -2.77
N VAL A 337 16.22 27.92 -2.66
CA VAL A 337 16.27 29.31 -3.13
C VAL A 337 16.11 29.36 -4.64
N GLY A 338 16.85 28.52 -5.35
CA GLY A 338 16.79 28.47 -6.81
C GLY A 338 15.40 28.17 -7.34
N ILE A 339 14.73 27.20 -6.73
CA ILE A 339 13.41 26.78 -7.18
C ILE A 339 12.32 27.76 -6.76
N SER A 340 12.61 28.63 -5.80
CA SER A 340 11.66 29.65 -5.37
C SER A 340 11.70 30.84 -6.33
N LYS A 341 12.91 31.25 -6.68
CA LYS A 341 13.11 32.32 -7.68
C LYS A 341 12.46 31.98 -9.01
N ILE A 342 12.65 30.73 -9.45
CA ILE A 342 11.98 30.23 -10.66
C ILE A 342 10.47 30.26 -10.50
N ALA A 343 9.99 29.90 -9.31
CA ALA A 343 8.56 29.94 -8.98
C ALA A 343 7.98 31.36 -9.03
N PHE A 344 8.80 32.36 -8.69
CA PHE A 344 8.37 33.75 -8.79
C PHE A 344 8.26 34.16 -10.25
N ASP A 345 9.14 33.63 -11.08
CA ASP A 345 9.17 34.00 -12.49
C ASP A 345 7.93 33.53 -13.25
N ILE A 346 7.57 32.26 -13.07
CA ILE A 346 6.48 31.63 -13.84
C ILE A 346 5.12 31.68 -13.13
N GLY A 347 5.15 31.74 -11.80
CA GLY A 347 3.93 31.80 -11.00
C GLY A 347 3.50 30.44 -10.46
N ALA A 348 2.75 30.44 -9.37
CA ALA A 348 2.35 29.19 -8.70
C ALA A 348 1.29 28.42 -9.49
N GLU A 349 0.34 29.16 -10.07
CA GLU A 349 -0.75 28.59 -10.88
C GLU A 349 -0.27 27.48 -11.80
N SER A 350 0.84 27.72 -12.50
CA SER A 350 1.43 26.72 -13.42
C SER A 350 2.03 25.53 -12.69
N ILE A 351 2.72 25.78 -11.56
CA ILE A 351 3.33 24.68 -10.78
C ILE A 351 2.25 23.80 -10.18
N TYR A 352 1.21 24.44 -9.64
CA TYR A 352 0.08 23.69 -9.07
C TYR A 352 -0.55 22.77 -10.13
N SER A 353 -0.71 23.31 -11.33
CA SER A 353 -1.41 22.60 -12.40
C SER A 353 -0.76 21.24 -12.69
N VAL A 354 0.57 21.23 -12.79
CA VAL A 354 1.32 19.99 -13.05
C VAL A 354 1.20 19.00 -11.88
N MET A 355 1.23 19.52 -10.66
CA MET A 355 1.11 18.68 -9.47
C MET A 355 -0.28 18.08 -9.36
N GLN A 356 -1.29 18.86 -9.72
CA GLN A 356 -2.67 18.35 -9.67
C GLN A 356 -2.88 17.28 -10.73
N GLN A 357 -2.35 17.50 -11.93
CA GLN A 357 -2.53 16.56 -13.03
C GLN A 357 -1.75 15.25 -12.86
N VAL A 358 -0.65 15.28 -12.10
CA VAL A 358 0.14 14.06 -11.88
C VAL A 358 -0.36 13.23 -10.69
N GLY A 359 -1.39 13.74 -10.00
CA GLY A 359 -2.10 12.96 -8.98
C GLY A 359 -1.81 13.31 -7.53
N LEU A 360 -0.95 14.31 -7.30
CA LEU A 360 -0.50 14.65 -5.94
C LEU A 360 -1.58 15.37 -5.15
N GLY A 361 -1.97 14.79 -4.02
CA GLY A 361 -3.05 15.35 -3.18
C GLY A 361 -4.43 15.11 -3.78
N GLN A 362 -4.51 14.13 -4.68
CA GLN A 362 -5.72 13.87 -5.43
C GLN A 362 -6.19 12.44 -5.19
N ASP A 363 -7.48 12.18 -5.40
CA ASP A 363 -8.04 10.86 -5.17
C ASP A 363 -7.32 9.87 -6.08
N THR A 364 -6.88 8.76 -5.50
CA THR A 364 -6.03 7.84 -6.23
C THR A 364 -6.80 6.91 -7.15
N GLY A 365 -8.04 6.58 -6.79
CA GLY A 365 -8.89 5.73 -7.63
C GLY A 365 -8.94 4.27 -7.22
N LEU A 366 -7.86 3.77 -6.60
CA LEU A 366 -7.77 2.37 -6.19
C LEU A 366 -8.94 1.90 -5.30
N GLY A 367 -9.56 2.82 -4.57
CA GLY A 367 -10.74 2.51 -3.78
C GLY A 367 -10.41 1.64 -2.59
N PHE A 368 -9.42 2.07 -1.81
CA PHE A 368 -8.96 1.33 -0.63
C PHE A 368 -9.58 1.88 0.63
N PRO A 369 -9.66 1.04 1.67
CA PRO A 369 -10.24 1.47 2.93
C PRO A 369 -9.32 2.45 3.65
N GLY A 370 -9.87 3.60 4.03
CA GLY A 370 -9.12 4.61 4.79
C GLY A 370 -7.81 5.06 4.17
N GLU A 371 -7.69 4.93 2.84
CA GLU A 371 -6.51 5.36 2.11
C GLU A 371 -6.47 6.88 2.06
N ARG A 372 -5.35 7.46 2.49
CA ARG A 372 -5.22 8.92 2.57
C ARG A 372 -5.06 9.58 1.19
N VAL A 373 -5.64 10.76 1.06
CA VAL A 373 -5.60 11.54 -0.18
C VAL A 373 -4.54 12.67 -0.13
N GLY A 374 -4.35 13.26 1.05
CA GLY A 374 -3.38 14.33 1.22
C GLY A 374 -4.03 15.70 1.09
N ASN A 375 -3.24 16.70 0.69
CA ASN A 375 -3.78 18.03 0.42
C ASN A 375 -2.85 18.86 -0.47
N LEU A 376 -3.33 19.17 -1.68
CA LEU A 376 -2.72 20.17 -2.54
C LEU A 376 -3.67 21.36 -2.58
N PRO A 377 -3.46 22.36 -1.70
CA PRO A 377 -4.32 23.53 -1.70
C PRO A 377 -4.32 24.22 -3.06
N ASN A 378 -5.47 24.71 -3.48
CA ASN A 378 -5.56 25.49 -4.71
C ASN A 378 -5.89 26.94 -4.35
N HIS A 379 -4.84 27.69 -4.00
CA HIS A 379 -5.00 29.08 -3.56
C HIS A 379 -5.55 30.01 -4.65
N ARG A 380 -5.55 29.54 -5.91
CA ARG A 380 -6.02 30.33 -7.07
C ARG A 380 -5.05 31.47 -7.41
N LYS A 381 -4.86 32.40 -6.49
CA LYS A 381 -3.80 33.39 -6.62
C LYS A 381 -2.90 33.36 -5.38
N TRP A 382 -1.67 32.92 -5.59
CA TRP A 382 -0.73 32.66 -4.49
C TRP A 382 0.04 33.92 -4.12
N PRO A 383 0.27 34.15 -2.82
CA PRO A 383 1.27 35.15 -2.40
C PRO A 383 2.71 34.65 -2.60
N LYS A 384 3.68 35.50 -2.27
CA LYS A 384 5.10 35.18 -2.45
C LYS A 384 5.52 33.92 -1.69
N ALA A 385 5.31 33.92 -0.37
CA ALA A 385 5.76 32.83 0.50
C ALA A 385 5.14 31.48 0.11
N GLU A 386 3.83 31.50 -0.12
CA GLU A 386 3.11 30.28 -0.49
C GLU A 386 3.61 29.73 -1.83
N THR A 387 3.87 30.63 -2.77
CA THR A 387 4.44 30.26 -4.07
C THR A 387 5.75 29.48 -3.91
N ALA A 388 6.61 29.99 -3.02
CA ALA A 388 7.90 29.36 -2.76
C ALA A 388 7.70 28.03 -2.07
N THR A 389 6.93 28.05 -0.99
CA THR A 389 6.69 26.87 -0.16
C THR A 389 6.19 25.68 -1.00
N LEU A 390 5.28 25.97 -1.93
CA LEU A 390 4.71 24.96 -2.82
C LEU A 390 5.75 24.48 -3.83
N ALA A 391 6.62 25.38 -4.26
CA ALA A 391 7.64 25.08 -5.25
C ALA A 391 8.67 24.05 -4.75
N TYR A 392 9.12 24.21 -3.50
CA TYR A 392 10.05 23.24 -2.90
C TYR A 392 9.39 22.19 -1.99
N GLY A 393 8.07 22.03 -2.14
CA GLY A 393 7.38 20.86 -1.63
C GLY A 393 6.96 20.86 -0.18
N TYR A 394 7.12 22.01 0.49
CA TYR A 394 6.62 22.15 1.84
C TYR A 394 5.11 22.42 1.81
N GLY A 395 4.62 23.00 0.73
CA GLY A 395 3.24 23.50 0.67
C GLY A 395 2.14 22.49 0.32
N LEU A 396 2.50 21.21 0.28
CA LEU A 396 1.54 20.14 -0.01
C LEU A 396 1.85 18.95 0.89
N SER A 397 0.96 17.97 0.89
CA SER A 397 1.19 16.71 1.59
C SER A 397 0.64 15.54 0.75
N VAL A 398 1.45 14.48 0.65
CA VAL A 398 1.21 13.40 -0.29
C VAL A 398 1.49 12.06 0.37
N THR A 399 1.11 10.98 -0.31
CA THR A 399 1.46 9.63 0.13
C THR A 399 2.51 9.05 -0.80
N ALA A 400 3.14 7.96 -0.37
CA ALA A 400 4.19 7.30 -1.16
C ALA A 400 3.67 6.76 -2.49
N ILE A 401 2.43 6.30 -2.51
CA ILE A 401 1.77 5.86 -3.74
C ILE A 401 1.59 7.02 -4.72
N GLN A 402 1.13 8.17 -4.22
CA GLN A 402 0.93 9.32 -5.08
C GLN A 402 2.26 9.75 -5.70
N LEU A 403 3.27 9.91 -4.85
CA LEU A 403 4.61 10.29 -5.29
C LEU A 403 5.17 9.32 -6.35
N ALA A 404 4.92 8.02 -6.18
CA ALA A 404 5.35 7.03 -7.17
C ALA A 404 4.61 7.23 -8.50
N HIS A 405 3.29 7.30 -8.42
CA HIS A 405 2.42 7.55 -9.59
C HIS A 405 2.86 8.78 -10.37
N ALA A 406 3.25 9.85 -9.66
CA ALA A 406 3.73 11.07 -10.29
C ALA A 406 5.01 10.84 -11.10
N TYR A 407 5.97 10.13 -10.50
CA TYR A 407 7.22 9.80 -11.19
C TYR A 407 7.00 8.80 -12.32
N ALA A 408 5.97 7.96 -12.19
CA ALA A 408 5.60 7.06 -13.27
C ALA A 408 5.24 7.86 -14.53
N ALA A 409 4.43 8.90 -14.36
CA ALA A 409 4.05 9.79 -15.46
C ALA A 409 5.27 10.45 -16.11
N LEU A 410 6.21 10.91 -15.28
CA LEU A 410 7.41 11.58 -15.78
C LEU A 410 8.32 10.62 -16.56
N ALA A 411 8.42 9.38 -16.09
CA ALA A 411 9.12 8.33 -16.82
C ALA A 411 8.37 7.91 -18.07
N ASN A 412 7.04 8.01 -18.03
CA ASN A 412 6.18 7.61 -19.14
C ASN A 412 5.94 8.77 -20.12
N ASP A 413 7.00 9.53 -20.39
CA ASP A 413 6.96 10.69 -21.28
C ASP A 413 5.78 11.62 -21.02
N GLY A 414 5.47 11.82 -19.74
CA GLY A 414 4.45 12.79 -19.32
C GLY A 414 3.02 12.31 -19.41
N LYS A 415 2.84 11.01 -19.63
CA LYS A 415 1.49 10.44 -19.71
C LYS A 415 1.19 9.57 -18.50
N SER A 416 0.19 9.99 -17.73
CA SER A 416 -0.26 9.25 -16.54
C SER A 416 -1.23 8.15 -16.96
N VAL A 417 -0.87 6.90 -16.68
CA VAL A 417 -1.77 5.76 -16.82
C VAL A 417 -2.34 5.45 -15.43
N PRO A 418 -3.68 5.30 -15.33
CA PRO A 418 -4.38 5.05 -14.06
C PRO A 418 -3.74 3.96 -13.20
N LEU A 419 -3.72 4.19 -11.89
CA LEU A 419 -3.19 3.21 -10.94
C LEU A 419 -4.01 1.93 -10.92
N SER A 420 -3.35 0.81 -10.63
CA SER A 420 -4.06 -0.46 -10.45
C SER A 420 -3.36 -1.35 -9.42
N MET A 421 -4.14 -1.88 -8.48
CA MET A 421 -3.65 -2.88 -7.54
C MET A 421 -3.91 -4.31 -8.05
N THR A 422 -4.80 -4.46 -9.03
CA THR A 422 -5.01 -5.74 -9.70
C THR A 422 -4.25 -5.79 -11.02
N ARG A 423 -4.07 -7.00 -11.55
CA ARG A 423 -3.34 -7.17 -12.81
C ARG A 423 -4.08 -6.51 -13.98
N VAL A 424 -3.33 -5.80 -14.81
CA VAL A 424 -3.87 -5.07 -15.96
C VAL A 424 -3.41 -5.71 -17.27
N ASP A 425 -4.25 -6.58 -17.81
CA ASP A 425 -3.99 -7.20 -19.11
C ASP A 425 -4.30 -6.25 -20.27
N ARG A 426 -5.43 -5.54 -20.17
CA ARG A 426 -5.82 -4.55 -21.17
C ARG A 426 -5.60 -3.18 -20.59
N VAL A 427 -4.54 -2.51 -21.04
CA VAL A 427 -4.09 -1.26 -20.44
C VAL A 427 -4.97 -0.12 -20.92
N PRO A 428 -5.54 0.66 -19.97
CA PRO A 428 -6.43 1.76 -20.33
C PRO A 428 -5.67 2.97 -20.83
N ASP A 429 -6.25 3.70 -21.77
CA ASP A 429 -5.58 4.85 -22.38
C ASP A 429 -5.29 5.89 -21.31
N GLY A 430 -4.06 6.42 -21.32
CA GLY A 430 -3.61 7.36 -20.30
C GLY A 430 -3.63 8.83 -20.71
N VAL A 431 -3.71 9.71 -19.71
CA VAL A 431 -3.78 11.14 -19.92
C VAL A 431 -2.38 11.73 -20.05
N GLN A 432 -2.14 12.45 -21.15
CA GLN A 432 -0.90 13.19 -21.33
C GLN A 432 -0.98 14.46 -20.47
N VAL A 433 -0.24 14.47 -19.36
CA VAL A 433 -0.33 15.53 -18.33
C VAL A 433 0.81 16.55 -18.41
N ILE A 434 1.92 16.14 -19.01
CA ILE A 434 3.07 16.99 -19.25
C ILE A 434 3.51 16.68 -20.68
N SER A 435 3.99 17.68 -21.41
CA SER A 435 4.34 17.46 -22.81
C SER A 435 5.50 16.45 -22.92
N PRO A 436 5.49 15.61 -23.98
CA PRO A 436 6.54 14.61 -24.21
C PRO A 436 7.97 15.15 -24.25
N GLU A 437 8.14 16.35 -24.80
CA GLU A 437 9.48 16.96 -24.90
C GLU A 437 9.92 17.57 -23.57
N VAL A 438 8.98 18.13 -22.81
CA VAL A 438 9.26 18.62 -21.45
C VAL A 438 9.58 17.45 -20.52
N ALA A 439 8.85 16.34 -20.72
CA ALA A 439 9.06 15.13 -19.93
C ALA A 439 10.44 14.54 -20.19
N SER A 440 10.82 14.45 -21.46
CA SER A 440 12.14 13.93 -21.85
C SER A 440 13.29 14.79 -21.33
N THR A 441 13.07 16.09 -21.23
CA THR A 441 14.10 17.00 -20.74
C THR A 441 14.33 16.76 -19.24
N VAL A 442 13.24 16.69 -18.48
CA VAL A 442 13.30 16.51 -17.04
C VAL A 442 13.84 15.11 -16.68
N GLN A 443 13.54 14.12 -17.51
CA GLN A 443 14.15 12.80 -17.38
C GLN A 443 15.68 12.92 -17.46
N GLY A 444 16.15 13.61 -18.49
CA GLY A 444 17.58 13.85 -18.69
C GLY A 444 18.23 14.57 -17.53
N MET A 445 17.48 15.48 -16.91
CA MET A 445 17.97 16.22 -15.74
C MET A 445 18.14 15.31 -14.52
N LEU A 446 17.18 14.40 -14.33
CA LEU A 446 17.20 13.48 -13.19
C LEU A 446 18.26 12.39 -13.35
N GLN A 447 18.56 12.03 -14.60
CA GLN A 447 19.68 11.13 -14.88
C GLN A 447 21.00 11.82 -14.54
N GLN A 448 21.03 13.14 -14.70
CA GLN A 448 22.20 13.94 -14.36
C GLN A 448 22.41 14.05 -12.86
N VAL A 449 21.34 14.31 -12.11
CA VAL A 449 21.43 14.35 -10.64
C VAL A 449 22.02 13.05 -10.06
N VAL A 450 21.69 11.91 -10.68
CA VAL A 450 22.20 10.63 -10.24
C VAL A 450 23.63 10.36 -10.73
N GLU A 451 23.92 10.68 -11.99
CA GLU A 451 25.17 10.26 -12.63
C GLU A 451 26.26 11.32 -12.79
N ALA A 452 25.95 12.58 -12.44
CA ALA A 452 26.90 13.67 -12.62
C ALA A 452 27.87 13.77 -11.44
N GLN A 453 28.84 14.67 -11.56
CA GLN A 453 29.75 14.99 -10.45
C GLN A 453 28.96 15.63 -9.33
N GLY A 454 29.28 15.26 -8.08
CA GLY A 454 28.59 15.81 -6.91
C GLY A 454 27.10 15.55 -6.91
N GLY A 455 26.69 14.47 -7.56
CA GLY A 455 25.30 14.07 -7.62
C GLY A 455 25.04 12.97 -6.62
N VAL A 456 23.81 12.45 -6.61
CA VAL A 456 23.41 11.39 -5.69
C VAL A 456 23.92 10.06 -6.22
N PHE A 457 25.22 9.83 -6.04
CA PHE A 457 25.90 8.69 -6.66
C PHE A 457 25.51 7.36 -6.03
N ARG A 458 25.11 7.39 -4.77
CA ARG A 458 24.66 6.19 -4.08
C ARG A 458 23.41 5.59 -4.74
N ALA A 459 22.63 6.45 -5.39
CA ALA A 459 21.40 6.05 -6.08
C ALA A 459 21.62 5.36 -7.43
N GLN A 460 22.88 5.28 -7.87
CA GLN A 460 23.19 4.66 -9.16
C GLN A 460 22.91 3.17 -9.13
N VAL A 461 22.38 2.66 -10.24
CA VAL A 461 22.04 1.25 -10.38
C VAL A 461 22.93 0.64 -11.45
N PRO A 462 23.93 -0.15 -11.04
CA PRO A 462 24.90 -0.66 -12.01
C PRO A 462 24.26 -1.50 -13.13
N GLY A 463 24.69 -1.24 -14.37
CA GLY A 463 24.16 -1.92 -15.54
C GLY A 463 23.06 -1.12 -16.23
N TYR A 464 22.51 -0.13 -15.54
CA TYR A 464 21.42 0.67 -16.06
C TYR A 464 21.65 2.15 -15.82
N HIS A 465 21.12 2.99 -16.72
CA HIS A 465 21.04 4.42 -16.49
C HIS A 465 19.83 4.69 -15.62
N ALA A 466 20.06 5.19 -14.41
CA ALA A 466 18.98 5.48 -13.49
C ALA A 466 18.78 6.99 -13.41
N ALA A 467 17.63 7.38 -12.86
CA ALA A 467 17.31 8.79 -12.65
C ALA A 467 16.36 8.94 -11.48
N GLY A 468 16.56 9.99 -10.69
CA GLY A 468 15.69 10.26 -9.55
C GLY A 468 16.09 11.51 -8.79
N LYS A 469 15.48 11.68 -7.62
CA LYS A 469 15.69 12.88 -6.81
C LYS A 469 15.58 12.52 -5.34
N SER A 470 16.62 12.85 -4.56
CA SER A 470 16.57 12.68 -3.12
C SER A 470 15.70 13.75 -2.48
N GLY A 471 15.31 13.50 -1.23
CA GLY A 471 14.56 14.45 -0.41
C GLY A 471 14.83 14.18 1.06
N THR A 472 14.70 15.21 1.89
CA THR A 472 14.84 15.10 3.34
C THR A 472 13.88 16.07 4.00
N ALA A 473 12.80 15.54 4.55
CA ALA A 473 11.74 16.36 5.14
C ALA A 473 11.84 16.32 6.66
N ARG A 474 11.79 17.50 7.28
CA ARG A 474 11.78 17.63 8.74
C ARG A 474 10.36 17.57 9.25
N LYS A 475 10.14 16.78 10.31
CA LYS A 475 8.82 16.61 10.90
C LYS A 475 8.67 17.60 12.05
N VAL A 476 7.53 18.29 12.10
CA VAL A 476 7.24 19.27 13.15
C VAL A 476 5.78 19.22 13.58
N GLU A 485 15.68 17.05 19.27
CA GLU A 485 14.25 16.90 19.03
C GLU A 485 13.87 16.93 17.56
N ASN A 486 14.84 17.10 16.67
CA ASN A 486 14.60 17.08 15.23
C ASN A 486 14.43 15.65 14.70
N ALA A 487 13.27 15.38 14.09
CA ALA A 487 13.02 14.13 13.39
C ALA A 487 12.93 14.37 11.90
N TYR A 488 13.37 13.38 11.10
CA TYR A 488 13.45 13.53 9.66
C TYR A 488 12.87 12.33 8.91
N ARG A 489 12.22 12.59 7.78
CA ARG A 489 11.88 11.55 6.81
C ARG A 489 12.91 11.58 5.68
N SER A 490 13.49 10.41 5.40
CA SER A 490 14.49 10.29 4.34
C SER A 490 13.84 9.75 3.08
N LEU A 491 13.84 10.55 2.01
CA LEU A 491 13.12 10.22 0.79
C LEU A 491 14.05 9.98 -0.41
N PHE A 492 13.54 9.26 -1.40
CA PHE A 492 14.16 9.20 -2.72
C PHE A 492 13.18 8.61 -3.73
N ALA A 493 12.82 9.42 -4.72
CA ALA A 493 11.97 8.96 -5.82
C ALA A 493 12.87 8.73 -7.04
N GLY A 494 12.38 7.98 -8.02
CA GLY A 494 13.21 7.65 -9.18
C GLY A 494 12.61 6.63 -10.11
N PHE A 495 13.21 6.48 -11.28
CA PHE A 495 12.76 5.52 -12.28
C PHE A 495 13.93 5.10 -13.17
N ALA A 496 13.82 3.92 -13.77
CA ALA A 496 14.86 3.37 -14.64
C ALA A 496 14.25 2.35 -15.58
N PRO A 497 14.93 2.03 -16.71
CA PRO A 497 16.15 2.62 -17.26
C PRO A 497 15.89 3.92 -18.01
N ALA A 498 16.89 4.79 -18.07
CA ALA A 498 16.74 6.13 -18.64
C ALA A 498 16.22 6.12 -20.09
N THR A 499 16.76 5.22 -20.90
CA THR A 499 16.49 5.19 -22.35
C THR A 499 15.06 4.76 -22.70
N ASP A 500 14.46 3.95 -21.84
CA ASP A 500 13.09 3.48 -22.04
C ASP A 500 12.58 3.01 -20.67
N PRO A 501 12.16 3.97 -19.82
CA PRO A 501 11.77 3.71 -18.43
C PRO A 501 10.74 2.61 -18.27
N ARG A 502 11.01 1.68 -17.36
CA ARG A 502 10.13 0.55 -17.10
C ARG A 502 9.40 0.69 -15.78
N ILE A 503 10.14 1.01 -14.72
CA ILE A 503 9.55 1.10 -13.38
C ILE A 503 9.95 2.35 -12.60
N ALA A 504 8.98 2.89 -11.87
CA ALA A 504 9.19 3.99 -10.93
C ALA A 504 9.26 3.44 -9.52
N MET A 505 10.08 4.05 -8.66
CA MET A 505 10.27 3.56 -7.30
C MET A 505 10.35 4.69 -6.29
N VAL A 506 9.67 4.50 -5.16
CA VAL A 506 9.72 5.46 -4.05
C VAL A 506 10.13 4.74 -2.77
N VAL A 507 11.08 5.33 -2.05
CA VAL A 507 11.58 4.78 -0.81
C VAL A 507 11.46 5.82 0.30
N VAL A 508 10.73 5.46 1.35
CA VAL A 508 10.54 6.35 2.49
C VAL A 508 11.06 5.65 3.73
N ILE A 509 11.90 6.35 4.47
CA ILE A 509 12.45 5.85 5.72
C ILE A 509 12.17 6.90 6.79
N ASP A 510 11.46 6.48 7.85
CA ASP A 510 10.93 7.39 8.85
C ASP A 510 11.88 7.49 10.04
N GLU A 511 12.19 8.73 10.44
CA GLU A 511 13.21 9.06 11.45
C GLU A 511 14.30 8.01 11.71
N PRO A 512 15.33 7.99 10.86
CA PRO A 512 16.55 7.24 11.15
C PRO A 512 17.41 7.99 12.16
N SER A 513 18.34 7.28 12.80
CA SER A 513 19.10 7.86 13.91
C SER A 513 20.52 7.30 14.12
N LYS A 514 20.82 6.12 13.58
CA LYS A 514 22.13 5.49 13.78
C LYS A 514 23.19 5.90 12.75
N ALA A 515 22.91 6.98 12.00
CA ALA A 515 23.85 7.49 11.01
C ALA A 515 23.44 8.91 10.59
N GLY A 516 23.74 9.28 9.34
CA GLY A 516 23.17 10.49 8.75
C GLY A 516 21.69 10.30 8.50
N TYR A 517 21.04 11.34 7.99
CA TYR A 517 19.59 11.29 7.74
C TYR A 517 19.16 11.75 6.35
N PHE A 518 20.09 12.27 5.55
CA PHE A 518 19.74 12.78 4.23
C PHE A 518 19.34 11.65 3.28
N GLY A 519 18.41 11.95 2.38
CA GLY A 519 17.93 10.98 1.39
C GLY A 519 19.05 10.39 0.56
N GLY A 520 19.97 11.23 0.12
CA GLY A 520 21.12 10.78 -0.65
C GLY A 520 21.95 9.72 0.05
N LEU A 521 21.96 9.75 1.38
CA LEU A 521 22.73 8.79 2.18
C LEU A 521 21.89 7.58 2.58
N VAL A 522 20.67 7.86 3.04
CA VAL A 522 19.82 6.84 3.68
C VAL A 522 18.96 6.03 2.70
N SER A 523 18.26 6.73 1.80
CA SER A 523 17.27 6.09 0.91
C SER A 523 17.78 5.80 -0.50
N ALA A 524 18.85 6.47 -0.91
CA ALA A 524 19.46 6.25 -2.22
C ALA A 524 20.01 4.83 -2.39
N PRO A 525 20.69 4.28 -1.37
CA PRO A 525 21.24 2.94 -1.56
C PRO A 525 20.14 1.87 -1.60
N VAL A 526 19.03 2.14 -0.92
CA VAL A 526 17.87 1.23 -0.93
C VAL A 526 17.27 1.21 -2.33
N PHE A 527 17.03 2.41 -2.86
CA PHE A 527 16.62 2.57 -4.25
C PHE A 527 17.53 1.77 -5.18
N SER A 528 18.84 1.94 -5.03
CA SER A 528 19.82 1.28 -5.88
C SER A 528 19.64 -0.23 -5.91
N LYS A 529 19.69 -0.86 -4.73
CA LYS A 529 19.62 -2.32 -4.60
C LYS A 529 18.31 -2.90 -5.14
N VAL A 530 17.20 -2.37 -4.64
CA VAL A 530 15.87 -2.84 -5.02
C VAL A 530 15.65 -2.71 -6.54
N MET A 531 16.02 -1.56 -7.09
CA MET A 531 15.96 -1.34 -8.53
C MET A 531 16.89 -2.29 -9.29
N ALA A 532 18.14 -2.44 -8.82
CA ALA A 532 19.07 -3.37 -9.45
C ALA A 532 18.49 -4.78 -9.55
N GLY A 533 17.88 -5.25 -8.46
CA GLY A 533 17.22 -6.55 -8.44
C GLY A 533 15.91 -6.59 -9.20
N ALA A 534 15.07 -5.55 -9.01
CA ALA A 534 13.75 -5.46 -9.65
C ALA A 534 13.83 -5.52 -11.16
N LEU A 535 14.80 -4.80 -11.73
CA LEU A 535 15.02 -4.77 -13.18
C LEU A 535 15.46 -6.14 -13.72
N ARG A 536 16.30 -6.84 -12.99
CA ARG A 536 16.82 -8.14 -13.48
C ARG A 536 15.76 -9.23 -13.36
N LEU A 537 14.92 -9.17 -12.33
CA LEU A 537 13.82 -10.11 -12.14
C LEU A 537 12.81 -10.03 -13.28
N MET A 538 12.63 -8.85 -13.85
CA MET A 538 11.77 -8.66 -15.03
C MET A 538 12.51 -8.81 -16.37
N ASN A 539 13.82 -9.09 -16.31
CA ASN A 539 14.64 -9.29 -17.51
C ASN A 539 14.69 -8.05 -18.40
N VAL A 540 14.77 -6.89 -17.78
CA VAL A 540 14.98 -5.63 -18.50
C VAL A 540 16.43 -5.62 -18.97
N PRO A 541 16.66 -5.44 -20.28
CA PRO A 541 18.03 -5.39 -20.78
C PRO A 541 18.81 -4.18 -20.26
N PRO A 542 20.07 -4.38 -19.84
CA PRO A 542 21.01 -3.31 -19.53
C PRO A 542 21.05 -2.23 -20.62
N ASP A 543 21.04 -0.96 -20.22
CA ASP A 543 21.10 0.14 -21.20
C ASP A 543 22.34 1.05 -21.05
N ASN A 544 23.24 0.70 -20.11
CA ASN A 544 24.53 1.40 -19.98
C ASN A 544 25.60 0.62 -20.73
N LEU A 545 25.50 0.65 -22.06
CA LEU A 545 26.37 -0.11 -22.95
C LEU A 545 27.16 0.83 -23.86
C CTJ B . 14.42 18.74 -0.18
O CTJ B . 13.73 17.84 0.29
S1 CTJ B . 17.49 20.28 1.97
C2 CTJ B . 19.08 19.69 1.47
C3 CTJ B . 19.13 18.24 1.03
C4 CTJ B . 18.04 17.61 0.55
N5 CTJ B . 16.84 18.06 0.89
C6 CTJ B . 16.60 19.47 0.69
CA CTJ B . 15.09 19.73 0.73
N10 CTJ B . 14.50 19.58 2.05
C11 CTJ B . 14.33 20.60 2.88
O12 CTJ B . 14.69 21.75 2.64
C13 CTJ B . 13.68 20.26 4.14
C14 CTJ B . 12.19 20.07 4.16
C15 CTJ B . 11.39 20.18 3.02
N16 CTJ B . 14.41 20.11 5.23
S16 CTJ B . 9.68 19.94 3.29
C17 CTJ B . 10.14 19.71 4.94
O17 CTJ B . 15.66 20.29 5.18
C18 CTJ B . 16.49 20.12 6.31
N18 CTJ B . 9.20 19.43 5.89
C19 CTJ B . 17.88 20.66 5.97
N19 CTJ B . 11.45 19.81 5.26
C20 CTJ B . 16.56 18.64 6.66
C21 CTJ B . 15.95 20.91 7.49
O2A CTJ B . 15.36 21.99 7.27
O2B CTJ B . 16.11 20.45 8.65
C3' CTJ B . 20.45 17.53 1.12
C4' CTJ B . 18.09 16.49 -0.38
O4A CTJ B . 18.48 15.36 -0.01
O4B CTJ B . 17.73 16.72 -1.54
#